data_4MBJ
#
_entry.id   4MBJ
#
_cell.length_a   106.970
_cell.length_b   106.970
_cell.length_c   152.440
_cell.angle_alpha   90.00
_cell.angle_beta   90.00
_cell.angle_gamma   90.00
#
_symmetry.space_group_name_H-M   'P 41 21 2'
#
loop_
_entity.id
_entity.type
_entity.pdbx_description
1 polymer 'Serine/threonine-protein kinase B-raf'
2 non-polymer 2,6-difluoro-N-(1H-imidazo[4,5-b]pyridin-6-yl)-3-[(propylsulfonyl)amino]benzamide
#
_entity_poly.entity_id   1
_entity_poly.type   'polypeptide(L)'
_entity_poly.pdbx_seq_one_letter_code
;MDRGSHHHHHHGSEDRNRMKTLGRRDSSDDWEIPDGQITVGQRIGSGSFGTVYKGKWHGDVAVKMLNVTAPTPQQLQAFK
NEVGVLRKTRHVNILLFMGYSTKPQLAIVTQWCEGSSLYHHLHIIETKFEMIKLIDIARQTAQGMDYLHAKSIIHRDLKS
NNIFLHEDLTVKIGDFGLATVKSRWSGSHQFEQLSGSILWMAPEVIRMQDKNPYSFQSDVYAFGIVLYELMTGQLPYSNI
NNRDQIIFMVGRGYLSPDLSKVRSNCPKAMKRLMAECLKKKRDERPLFPQILASIELLARSLPK
;
_entity_poly.pdbx_strand_id   A,B
#
loop_
_chem_comp.id
_chem_comp.type
_chem_comp.name
_chem_comp.formula
DFS non-polymer 2,6-difluoro-N-(1H-imidazo[4,5-b]pyridin-6-yl)-3-[(propylsulfonyl)amino]benzamide 'C16 H15 F2 N5 O3 S'
#
# COMPACT_ATOMS: atom_id res chain seq x y z
N ASP A 29 -7.81 15.40 -9.20
CA ASP A 29 -8.76 14.54 -8.40
C ASP A 29 -8.94 13.14 -9.00
N ASP A 30 -9.27 13.07 -10.30
CA ASP A 30 -9.82 11.84 -10.91
C ASP A 30 -8.78 10.85 -11.50
N TRP A 31 -9.20 9.59 -11.64
CA TRP A 31 -8.29 8.46 -11.85
C TRP A 31 -8.26 7.89 -13.27
N GLU A 32 -9.06 8.46 -14.16
CA GLU A 32 -9.15 7.91 -15.51
C GLU A 32 -7.77 7.96 -16.17
N ILE A 33 -7.26 6.81 -16.55
CA ILE A 33 -5.97 6.74 -17.21
C ILE A 33 -6.12 6.82 -18.73
N PRO A 34 -5.57 7.87 -19.34
CA PRO A 34 -5.63 8.12 -20.78
C PRO A 34 -5.09 6.95 -21.64
N ASP A 35 -5.47 6.96 -22.92
CA ASP A 35 -5.07 5.89 -23.86
C ASP A 35 -3.54 5.84 -23.96
N GLY A 36 -2.99 4.62 -23.99
CA GLY A 36 -1.60 4.45 -24.33
C GLY A 36 -0.56 4.89 -23.30
N GLN A 37 -0.98 5.13 -22.07
CA GLN A 37 -0.03 5.27 -20.96
C GLN A 37 0.31 3.89 -20.42
N ILE A 38 -0.71 3.02 -20.30
CA ILE A 38 -0.52 1.67 -19.78
C ILE A 38 0.04 0.75 -20.84
N THR A 39 1.13 0.05 -20.53
CA THR A 39 1.74 -0.85 -21.51
C THR A 39 1.42 -2.32 -21.25
N VAL A 40 0.34 -2.80 -21.85
CA VAL A 40 -0.17 -4.13 -21.57
C VAL A 40 0.73 -5.26 -22.09
N GLY A 41 1.28 -6.03 -21.16
CA GLY A 41 2.25 -7.05 -21.53
C GLY A 41 1.76 -8.48 -21.43
N GLN A 42 2.52 -9.31 -20.70
CA GLN A 42 2.26 -10.74 -20.58
C GLN A 42 0.85 -11.01 -20.01
N ARG A 43 0.18 -12.02 -20.56
CA ARG A 43 -1.20 -12.34 -20.16
C ARG A 43 -1.22 -13.35 -19.00
N ILE A 44 -2.22 -13.25 -18.12
CA ILE A 44 -2.36 -14.22 -17.03
C ILE A 44 -3.78 -14.50 -16.55
N GLY A 45 -4.55 -13.42 -16.34
CA GLY A 45 -5.84 -13.58 -15.71
C GLY A 45 -6.90 -14.07 -16.67
N SER A 46 -7.52 -15.20 -16.35
CA SER A 46 -8.39 -15.88 -17.29
C SER A 46 -9.85 -15.46 -17.13
N GLY A 47 -10.63 -15.65 -18.19
CA GLY A 47 -12.09 -15.70 -18.09
C GLY A 47 -12.89 -14.46 -18.50
N SER A 48 -14.21 -14.61 -18.55
CA SER A 48 -15.11 -13.46 -18.52
C SER A 48 -15.25 -13.01 -17.07
N PHE A 49 -15.84 -11.82 -16.89
CA PHE A 49 -15.70 -10.99 -15.70
C PHE A 49 -14.47 -10.10 -15.89
N GLY A 50 -13.50 -10.62 -16.67
CA GLY A 50 -12.31 -9.85 -17.00
C GLY A 50 -11.09 -10.73 -17.32
N THR A 51 -10.21 -10.20 -18.15
CA THR A 51 -8.94 -10.87 -18.43
C THR A 51 -7.76 -9.99 -17.98
N VAL A 52 -6.85 -10.60 -17.24
CA VAL A 52 -5.84 -9.87 -16.48
C VAL A 52 -4.47 -9.92 -17.13
N TYR A 53 -3.81 -8.77 -17.21
CA TYR A 53 -2.48 -8.66 -17.81
C TYR A 53 -1.52 -7.99 -16.83
N LYS A 54 -0.31 -8.53 -16.72
CA LYS A 54 0.77 -7.75 -16.12
C LYS A 54 1.03 -6.58 -17.05
N GLY A 55 1.26 -5.41 -16.48
CA GLY A 55 1.46 -4.22 -17.30
C GLY A 55 2.50 -3.31 -16.69
N LYS A 56 2.66 -2.13 -17.27
CA LYS A 56 3.57 -1.11 -16.75
C LYS A 56 2.88 0.24 -16.78
N TRP A 57 2.91 0.91 -15.64
CA TRP A 57 2.34 2.24 -15.52
C TRP A 57 2.90 2.82 -14.24
N HIS A 58 3.89 3.69 -14.38
CA HIS A 58 4.68 4.11 -13.23
C HIS A 58 5.14 2.85 -12.54
N GLY A 59 5.62 1.90 -13.35
CA GLY A 59 6.10 0.66 -12.80
C GLY A 59 5.09 -0.45 -12.95
N ASP A 60 5.47 -1.60 -12.43
CA ASP A 60 4.68 -2.79 -12.61
C ASP A 60 3.25 -2.62 -12.11
N VAL A 61 2.29 -2.87 -13.01
CA VAL A 61 0.87 -2.78 -12.68
C VAL A 61 0.11 -3.98 -13.23
N ALA A 62 -0.85 -4.49 -12.47
CA ALA A 62 -1.77 -5.46 -13.03
C ALA A 62 -2.92 -4.71 -13.67
N VAL A 63 -3.39 -5.21 -14.80
CA VAL A 63 -4.53 -4.60 -15.43
C VAL A 63 -5.54 -5.66 -15.82
N LYS A 64 -6.80 -5.40 -15.53
CA LYS A 64 -7.88 -6.27 -15.95
C LYS A 64 -8.77 -5.51 -16.94
N MET A 65 -8.88 -6.04 -18.15
CA MET A 65 -9.71 -5.44 -19.20
C MET A 65 -11.01 -6.24 -19.31
N LEU A 66 -12.13 -5.53 -19.37
CA LEU A 66 -13.44 -6.17 -19.26
C LEU A 66 -13.93 -6.79 -20.57
N ASN A 67 -13.10 -6.73 -21.61
CA ASN A 67 -13.43 -7.20 -22.96
C ASN A 67 -14.94 -7.18 -23.32
N VAL A 68 -15.61 -6.11 -22.93
CA VAL A 68 -17.03 -5.93 -23.25
C VAL A 68 -17.23 -5.25 -24.61
N THR A 69 -16.20 -5.28 -25.44
CA THR A 69 -16.32 -4.82 -26.82
C THR A 69 -16.92 -3.42 -26.93
N ALA A 70 -16.45 -2.53 -26.06
CA ALA A 70 -16.85 -1.11 -26.04
C ALA A 70 -18.35 -0.84 -25.87
N PRO A 71 -18.70 -0.12 -24.80
CA PRO A 71 -20.05 0.42 -24.55
C PRO A 71 -20.37 1.52 -25.58
N THR A 72 -21.64 1.88 -25.80
CA THR A 72 -22.86 1.35 -25.18
C THR A 72 -23.28 2.03 -23.88
N PRO A 73 -23.30 3.38 -23.88
CA PRO A 73 -23.89 4.10 -22.73
C PRO A 73 -25.34 3.68 -22.51
N GLN A 74 -25.80 3.90 -21.29
CA GLN A 74 -24.90 4.30 -20.23
C GLN A 74 -24.56 3.10 -19.34
N GLN A 75 -24.18 1.99 -19.97
CA GLN A 75 -23.45 0.93 -19.28
C GLN A 75 -22.21 1.57 -18.68
N LEU A 76 -21.77 2.65 -19.33
CA LEU A 76 -20.50 3.30 -19.03
C LEU A 76 -20.59 4.05 -17.70
N GLN A 77 -21.76 4.63 -17.41
CA GLN A 77 -21.98 5.29 -16.12
C GLN A 77 -22.04 4.25 -15.00
N ALA A 78 -22.31 2.99 -15.35
CA ALA A 78 -22.47 1.93 -14.37
C ALA A 78 -21.14 1.28 -14.01
N PHE A 79 -20.15 1.47 -14.89
CA PHE A 79 -18.80 0.98 -14.63
C PHE A 79 -18.05 1.99 -13.78
N LYS A 80 -18.38 3.26 -13.96
CA LYS A 80 -17.74 4.34 -13.21
C LYS A 80 -18.13 4.24 -11.75
N ASN A 81 -19.37 3.83 -11.50
CA ASN A 81 -19.85 3.71 -10.13
C ASN A 81 -19.17 2.54 -9.42
N GLU A 82 -18.88 1.47 -10.16
CA GLU A 82 -18.17 0.34 -9.60
C GLU A 82 -16.75 0.68 -9.21
N VAL A 83 -16.13 1.54 -10.00
CA VAL A 83 -14.84 2.09 -9.61
C VAL A 83 -15.04 2.89 -8.33
N GLY A 84 -16.14 3.64 -8.27
CA GLY A 84 -16.44 4.38 -7.06
C GLY A 84 -16.39 3.53 -5.81
N VAL A 85 -16.84 2.28 -5.92
CA VAL A 85 -16.74 1.35 -4.81
C VAL A 85 -15.29 1.08 -4.48
N LEU A 86 -14.48 0.87 -5.52
CA LEU A 86 -13.07 0.56 -5.34
C LEU A 86 -12.31 1.63 -4.56
N ARG A 87 -12.43 2.88 -5.00
CA ARG A 87 -11.63 3.94 -4.40
C ARG A 87 -12.12 4.38 -3.04
N LYS A 88 -13.14 3.69 -2.54
CA LYS A 88 -13.58 3.85 -1.17
C LYS A 88 -12.58 3.13 -0.29
N THR A 89 -11.72 2.32 -0.90
CA THR A 89 -10.80 1.47 -0.16
C THR A 89 -9.37 1.99 -0.16
N ARG A 90 -8.82 2.15 1.04
CA ARG A 90 -7.41 2.47 1.19
C ARG A 90 -6.91 1.76 2.44
N HIS A 91 -6.45 0.53 2.26
CA HIS A 91 -5.94 -0.26 3.37
C HIS A 91 -4.82 -1.14 2.88
N VAL A 92 -3.91 -1.50 3.79
CA VAL A 92 -2.72 -2.21 3.41
C VAL A 92 -3.01 -3.68 3.21
N ASN A 93 -4.22 -4.12 3.53
CA ASN A 93 -4.60 -5.49 3.22
C ASN A 93 -5.61 -5.67 2.09
N ILE A 94 -6.33 -4.61 1.74
CA ILE A 94 -7.13 -4.63 0.53
C ILE A 94 -6.20 -4.35 -0.65
N LEU A 95 -6.40 -5.03 -1.77
CA LEU A 95 -5.57 -4.76 -2.94
C LEU A 95 -5.68 -3.30 -3.39
N LEU A 96 -4.56 -2.72 -3.80
CA LEU A 96 -4.51 -1.28 -4.00
C LEU A 96 -5.07 -0.83 -5.33
N PHE A 97 -6.17 -0.11 -5.31
CA PHE A 97 -6.71 0.43 -6.54
C PHE A 97 -5.85 1.56 -7.00
N MET A 98 -5.47 1.54 -8.28
CA MET A 98 -4.50 2.50 -8.79
C MET A 98 -5.10 3.48 -9.80
N GLY A 99 -6.08 3.00 -10.57
CA GLY A 99 -6.72 3.86 -11.56
C GLY A 99 -7.49 2.95 -12.50
N TYR A 100 -8.37 3.51 -13.33
CA TYR A 100 -9.13 2.71 -14.30
C TYR A 100 -8.99 3.24 -15.72
N SER A 101 -9.54 2.52 -16.68
CA SER A 101 -9.39 2.87 -18.09
C SER A 101 -10.72 2.74 -18.83
N THR A 102 -11.06 3.74 -19.66
CA THR A 102 -12.20 3.68 -20.57
C THR A 102 -11.81 3.68 -22.05
N LYS A 103 -10.54 3.96 -22.33
CA LYS A 103 -10.14 4.29 -23.69
C LYS A 103 -10.06 3.09 -24.62
N PRO A 104 -8.97 2.27 -24.54
CA PRO A 104 -8.99 1.18 -25.52
C PRO A 104 -10.11 0.14 -25.22
N GLN A 105 -10.11 -0.40 -24.01
CA GLN A 105 -11.28 -1.10 -23.46
C GLN A 105 -11.80 -0.35 -22.24
N LEU A 106 -12.68 -0.99 -21.48
CA LEU A 106 -12.81 -0.68 -20.07
C LEU A 106 -11.72 -1.45 -19.36
N ALA A 107 -11.25 -0.94 -18.22
CA ALA A 107 -10.32 -1.73 -17.42
C ALA A 107 -10.12 -1.19 -16.01
N ILE A 108 -9.45 -1.97 -15.20
CA ILE A 108 -8.99 -1.50 -13.91
C ILE A 108 -7.54 -1.90 -13.73
N VAL A 109 -6.71 -0.95 -13.32
CA VAL A 109 -5.31 -1.22 -13.10
C VAL A 109 -5.14 -1.20 -11.61
N THR A 110 -4.48 -2.23 -11.09
CA THR A 110 -4.17 -2.27 -9.67
C THR A 110 -2.68 -2.50 -9.57
N GLN A 111 -2.13 -2.26 -8.39
CA GLN A 111 -0.73 -2.61 -8.11
C GLN A 111 -0.42 -4.00 -8.60
N TRP A 112 0.85 -4.24 -8.89
CA TRP A 112 1.29 -5.58 -9.21
C TRP A 112 1.93 -6.21 -7.99
N CYS A 113 1.43 -7.37 -7.60
CA CYS A 113 1.99 -8.08 -6.47
C CYS A 113 2.93 -9.14 -6.99
N GLU A 114 4.17 -9.12 -6.52
CA GLU A 114 5.12 -10.15 -6.92
C GLU A 114 4.92 -11.38 -6.01
N GLY A 115 4.69 -12.54 -6.61
CA GLY A 115 4.41 -13.73 -5.83
C GLY A 115 3.01 -14.21 -6.14
N SER A 116 2.63 -15.37 -5.62
CA SER A 116 1.42 -16.04 -6.12
C SER A 116 0.09 -15.64 -5.49
N SER A 117 -0.69 -16.65 -5.11
CA SER A 117 -2.04 -16.41 -4.60
C SER A 117 -2.48 -17.59 -3.78
N LEU A 118 -3.04 -17.31 -2.62
CA LEU A 118 -3.21 -18.32 -1.59
C LEU A 118 -3.58 -19.65 -2.23
N TYR A 119 -4.53 -19.63 -3.16
CA TYR A 119 -5.01 -20.84 -3.80
C TYR A 119 -3.82 -21.56 -4.42
N HIS A 120 -3.06 -20.83 -5.22
CA HIS A 120 -1.90 -21.38 -5.91
C HIS A 120 -0.94 -22.04 -4.91
N HIS A 121 -0.68 -21.36 -3.80
CA HIS A 121 0.25 -21.86 -2.79
C HIS A 121 -0.21 -23.17 -2.18
N LEU A 122 -1.48 -23.20 -1.80
CA LEU A 122 -2.04 -24.28 -1.01
C LEU A 122 -2.35 -25.52 -1.84
N HIS A 123 -2.68 -25.31 -3.12
CA HIS A 123 -3.33 -26.33 -3.92
C HIS A 123 -2.65 -26.61 -5.27
N ILE A 124 -1.86 -25.66 -5.76
CA ILE A 124 -1.12 -25.90 -6.97
C ILE A 124 0.28 -26.39 -6.69
N ILE A 125 1.05 -25.60 -5.96
CA ILE A 125 2.44 -25.96 -5.73
C ILE A 125 2.56 -26.71 -4.42
N GLU A 126 1.55 -26.55 -3.56
CA GLU A 126 1.54 -27.22 -2.27
C GLU A 126 2.68 -26.75 -1.36
N THR A 127 2.73 -25.44 -1.14
CA THR A 127 3.56 -24.84 -0.12
C THR A 127 3.31 -25.39 1.28
N LYS A 128 4.38 -25.74 1.98
CA LYS A 128 4.27 -26.07 3.39
C LYS A 128 4.44 -24.80 4.22
N PHE A 129 3.34 -24.18 4.61
CA PHE A 129 3.40 -22.97 5.44
C PHE A 129 3.58 -23.32 6.91
N GLU A 130 4.52 -22.65 7.56
CA GLU A 130 4.68 -22.82 9.01
C GLU A 130 3.43 -22.29 9.70
N MET A 131 3.02 -22.92 10.79
CA MET A 131 1.72 -22.62 11.39
C MET A 131 1.58 -21.17 11.83
N ILE A 132 2.69 -20.58 12.30
CA ILE A 132 2.66 -19.20 12.76
C ILE A 132 2.23 -18.31 11.62
N LYS A 133 2.73 -18.61 10.42
CA LYS A 133 2.32 -17.89 9.21
C LYS A 133 0.83 -18.08 8.95
N LEU A 134 0.39 -19.34 8.94
CA LEU A 134 -0.98 -19.65 8.56
C LEU A 134 -1.93 -18.79 9.35
N ILE A 135 -1.71 -18.75 10.65
CA ILE A 135 -2.51 -17.90 11.50
C ILE A 135 -2.34 -16.46 11.04
N ASP A 136 -1.12 -16.08 10.71
CA ASP A 136 -0.90 -14.72 10.22
C ASP A 136 -1.74 -14.45 8.97
N ILE A 137 -1.68 -15.35 7.99
CA ILE A 137 -2.47 -15.18 6.78
C ILE A 137 -3.94 -15.12 7.09
N ALA A 138 -4.38 -15.88 8.09
CA ALA A 138 -5.76 -15.76 8.51
C ALA A 138 -5.99 -14.34 9.00
N ARG A 139 -5.14 -13.87 9.91
CA ARG A 139 -5.36 -12.55 10.51
C ARG A 139 -5.50 -11.49 9.45
N GLN A 140 -4.45 -11.30 8.67
CA GLN A 140 -4.44 -10.28 7.63
C GLN A 140 -5.72 -10.32 6.81
N THR A 141 -6.06 -11.50 6.31
CA THR A 141 -7.32 -11.66 5.63
C THR A 141 -8.43 -11.09 6.50
N ALA A 142 -8.55 -11.57 7.72
CA ALA A 142 -9.55 -11.05 8.62
C ALA A 142 -9.36 -9.54 8.77
N GLN A 143 -8.10 -9.11 8.86
CA GLN A 143 -7.79 -7.70 8.99
C GLN A 143 -8.48 -6.94 7.87
N GLY A 144 -8.16 -7.32 6.63
CA GLY A 144 -8.70 -6.64 5.48
C GLY A 144 -10.22 -6.66 5.37
N MET A 145 -10.81 -7.84 5.56
CA MET A 145 -12.26 -7.99 5.55
C MET A 145 -12.93 -7.06 6.55
N ASP A 146 -12.41 -7.01 7.77
CA ASP A 146 -12.97 -6.14 8.79
C ASP A 146 -13.05 -4.75 8.20
N TYR A 147 -12.07 -4.41 7.39
CA TYR A 147 -12.02 -3.10 6.77
C TYR A 147 -13.06 -2.95 5.66
N LEU A 148 -13.09 -3.94 4.77
CA LEU A 148 -14.01 -3.92 3.66
C LEU A 148 -15.41 -3.69 4.19
N HIS A 149 -15.73 -4.39 5.28
CA HIS A 149 -17.04 -4.26 5.91
C HIS A 149 -17.22 -2.90 6.54
N ALA A 150 -16.31 -2.54 7.44
CA ALA A 150 -16.45 -1.28 8.16
C ALA A 150 -16.94 -0.21 7.21
N LYS A 151 -16.48 -0.27 5.96
CA LYS A 151 -16.84 0.71 4.95
C LYS A 151 -17.88 0.15 3.98
N SER A 152 -18.84 -0.59 4.55
CA SER A 152 -20.04 -1.06 3.87
C SER A 152 -19.84 -1.77 2.53
N ILE A 153 -18.70 -2.42 2.37
CA ILE A 153 -18.49 -3.21 1.18
C ILE A 153 -18.63 -4.68 1.47
N ILE A 154 -19.42 -5.38 0.67
CA ILE A 154 -19.51 -6.82 0.85
C ILE A 154 -18.74 -7.46 -0.26
N HIS A 155 -17.92 -8.43 0.06
CA HIS A 155 -17.01 -8.90 -0.94
C HIS A 155 -17.68 -9.78 -1.96
N ARG A 156 -18.58 -10.63 -1.49
CA ARG A 156 -19.39 -11.45 -2.39
C ARG A 156 -18.63 -12.60 -3.09
N ASP A 157 -17.32 -12.63 -2.95
CA ASP A 157 -16.56 -13.80 -3.41
C ASP A 157 -15.17 -13.90 -2.79
N LEU A 158 -15.11 -13.93 -1.47
CA LEU A 158 -13.82 -14.21 -0.85
C LEU A 158 -13.51 -15.63 -1.24
N LYS A 159 -12.22 -15.92 -1.37
CA LYS A 159 -11.73 -17.28 -1.60
C LYS A 159 -10.25 -17.26 -1.93
N SER A 160 -9.57 -18.35 -1.63
CA SER A 160 -8.12 -18.34 -1.58
C SER A 160 -7.51 -17.80 -2.87
N ASN A 161 -8.29 -17.80 -3.95
CA ASN A 161 -7.78 -17.37 -5.25
C ASN A 161 -7.89 -15.86 -5.45
N ASN A 162 -8.49 -15.17 -4.49
CA ASN A 162 -8.55 -13.72 -4.50
C ASN A 162 -7.81 -13.18 -3.29
N ILE A 163 -7.18 -14.08 -2.54
CA ILE A 163 -6.25 -13.67 -1.50
C ILE A 163 -4.85 -13.85 -2.08
N PHE A 164 -4.10 -12.74 -2.23
CA PHE A 164 -2.76 -12.78 -2.80
C PHE A 164 -1.73 -12.54 -1.71
N LEU A 165 -0.74 -13.42 -1.65
CA LEU A 165 0.39 -13.21 -0.78
C LEU A 165 1.48 -12.42 -1.49
N HIS A 166 1.63 -11.16 -1.13
CA HIS A 166 2.56 -10.29 -1.83
C HIS A 166 3.91 -10.31 -1.15
N GLU A 167 4.94 -10.58 -1.94
CA GLU A 167 6.28 -10.82 -1.42
C GLU A 167 6.24 -11.90 -0.33
N ASP A 168 5.14 -12.63 -0.33
CA ASP A 168 4.97 -13.84 0.47
C ASP A 168 4.58 -13.61 1.94
N LEU A 169 4.59 -12.36 2.39
CA LEU A 169 4.26 -12.08 3.79
C LEU A 169 3.07 -11.15 4.01
N THR A 170 2.69 -10.39 2.99
CA THR A 170 1.53 -9.51 3.10
C THR A 170 0.33 -10.05 2.32
N VAL A 171 -0.87 -9.74 2.79
CA VAL A 171 -2.08 -10.27 2.18
C VAL A 171 -2.85 -9.14 1.53
N LYS A 172 -3.18 -9.31 0.26
CA LYS A 172 -4.02 -8.32 -0.42
C LYS A 172 -5.35 -8.95 -0.85
N ILE A 173 -6.45 -8.31 -0.47
CA ILE A 173 -7.77 -8.84 -0.75
C ILE A 173 -8.22 -8.45 -2.13
N GLY A 174 -8.88 -9.39 -2.81
CA GLY A 174 -8.80 -9.46 -4.26
C GLY A 174 -9.99 -8.98 -5.06
N ASP A 175 -10.82 -9.91 -5.48
CA ASP A 175 -11.66 -9.71 -6.66
C ASP A 175 -13.03 -9.15 -6.29
N PHE A 176 -13.07 -8.16 -5.42
CA PHE A 176 -14.35 -7.75 -4.88
C PHE A 176 -14.99 -6.62 -5.68
N GLY A 177 -14.24 -6.12 -6.66
CA GLY A 177 -14.76 -5.00 -7.44
C GLY A 177 -15.97 -5.38 -8.26
N LEU A 178 -16.63 -4.36 -8.81
CA LEU A 178 -17.75 -4.56 -9.72
C LEU A 178 -18.88 -5.29 -9.01
N ALA A 179 -19.39 -6.34 -9.63
CA ALA A 179 -20.54 -7.10 -9.12
C ALA A 179 -21.89 -6.50 -9.55
N THR A 180 -22.09 -5.20 -9.27
CA THR A 180 -23.26 -4.50 -9.79
C THR A 180 -23.23 -4.55 -11.31
N VAL A 181 -22.02 -4.72 -11.85
CA VAL A 181 -21.81 -4.72 -13.30
C VAL A 181 -21.55 -6.16 -13.82
N LYS A 182 -22.41 -7.09 -13.41
CA LYS A 182 -22.17 -8.51 -13.63
C LYS A 182 -23.50 -9.27 -13.54
N SER A 183 -24.37 -8.78 -12.66
CA SER A 183 -25.74 -9.30 -12.51
C SER A 183 -26.73 -8.51 -13.38
N ARG A 184 -26.25 -7.41 -13.97
CA ARG A 184 -27.04 -6.62 -14.92
C ARG A 184 -26.43 -6.68 -16.33
N TRP A 185 -25.36 -7.46 -16.49
CA TRP A 185 -24.67 -7.58 -17.77
C TRP A 185 -24.65 -9.00 -18.36
N SER A 186 -24.62 -9.06 -19.70
CA SER A 186 -24.71 -10.32 -20.45
C SER A 186 -23.35 -10.98 -20.65
N LEU A 194 -20.20 -17.57 -10.49
CA LEU A 194 -20.96 -18.56 -9.73
C LEU A 194 -20.69 -19.96 -10.26
N SER A 195 -19.60 -20.58 -9.80
CA SER A 195 -19.30 -21.96 -10.19
C SER A 195 -17.94 -22.36 -9.65
N GLY A 196 -16.90 -21.70 -10.17
CA GLY A 196 -15.54 -21.99 -9.74
C GLY A 196 -15.42 -21.69 -8.27
N SER A 197 -16.37 -20.88 -7.78
CA SER A 197 -16.49 -20.63 -6.36
C SER A 197 -17.86 -21.07 -5.87
N ILE A 198 -17.96 -22.32 -5.42
CA ILE A 198 -19.13 -22.73 -4.65
C ILE A 198 -18.65 -23.15 -3.26
N LEU A 199 -17.45 -23.72 -3.22
CA LEU A 199 -16.89 -24.22 -1.99
C LEU A 199 -16.94 -23.19 -0.85
N TRP A 200 -16.94 -21.92 -1.20
CA TRP A 200 -16.94 -20.86 -0.20
C TRP A 200 -18.32 -20.19 0.01
N MET A 201 -19.32 -20.67 -0.70
CA MET A 201 -20.68 -20.17 -0.54
C MET A 201 -21.37 -20.74 0.70
N ALA A 202 -21.74 -19.88 1.63
CA ALA A 202 -22.55 -20.33 2.76
C ALA A 202 -23.84 -20.86 2.19
N PRO A 203 -24.48 -21.79 2.90
CA PRO A 203 -25.64 -22.48 2.35
C PRO A 203 -26.68 -21.47 1.86
N GLU A 204 -27.02 -20.51 2.73
CA GLU A 204 -28.13 -19.62 2.48
C GLU A 204 -27.92 -18.90 1.17
N VAL A 205 -26.70 -19.00 0.64
CA VAL A 205 -26.41 -18.46 -0.68
C VAL A 205 -26.56 -19.50 -1.77
N ILE A 206 -26.11 -20.73 -1.51
CA ILE A 206 -26.15 -21.77 -2.53
C ILE A 206 -27.52 -21.99 -3.12
N ARG A 207 -28.49 -22.32 -2.28
CA ARG A 207 -29.88 -22.39 -2.70
C ARG A 207 -30.36 -20.94 -2.84
N MET A 208 -30.43 -20.43 -4.07
CA MET A 208 -30.83 -19.04 -4.21
C MET A 208 -32.23 -18.86 -3.66
N GLN A 209 -32.29 -18.47 -2.38
CA GLN A 209 -33.56 -18.40 -1.68
C GLN A 209 -34.33 -17.19 -2.17
N ASP A 210 -33.64 -16.07 -2.37
CA ASP A 210 -34.30 -14.88 -2.90
C ASP A 210 -33.41 -13.92 -3.70
N LYS A 211 -33.51 -12.63 -3.38
CA LYS A 211 -32.79 -11.57 -4.10
C LYS A 211 -31.40 -11.31 -3.50
N ASN A 212 -31.35 -11.05 -2.19
CA ASN A 212 -30.08 -10.77 -1.53
C ASN A 212 -29.76 -11.75 -0.40
N PRO A 213 -29.16 -12.91 -0.77
CA PRO A 213 -28.58 -13.86 0.19
C PRO A 213 -27.28 -13.32 0.75
N TYR A 214 -26.65 -12.44 -0.02
CA TYR A 214 -25.30 -11.95 0.30
C TYR A 214 -25.29 -10.92 1.43
N SER A 215 -24.26 -10.99 2.27
CA SER A 215 -24.25 -10.22 3.50
C SER A 215 -22.94 -10.47 4.21
N PHE A 216 -22.68 -9.68 5.25
CA PHE A 216 -21.45 -9.84 6.00
C PHE A 216 -21.23 -11.29 6.34
N GLN A 217 -22.28 -11.96 6.81
CA GLN A 217 -22.14 -13.33 7.25
C GLN A 217 -21.89 -14.29 6.09
N SER A 218 -22.52 -14.01 4.95
CA SER A 218 -22.14 -14.69 3.72
C SER A 218 -20.63 -14.67 3.59
N ASP A 219 -20.05 -13.48 3.72
CA ASP A 219 -18.62 -13.30 3.61
C ASP A 219 -17.90 -14.11 4.67
N VAL A 220 -18.34 -14.04 5.92
CA VAL A 220 -17.70 -14.82 6.99
C VAL A 220 -17.57 -16.31 6.67
N TYR A 221 -18.66 -16.94 6.28
CA TYR A 221 -18.61 -18.34 5.97
C TYR A 221 -17.45 -18.61 5.00
N ALA A 222 -17.36 -17.82 3.94
CA ALA A 222 -16.22 -17.96 3.03
C ALA A 222 -14.90 -17.83 3.80
N PHE A 223 -14.79 -16.80 4.63
CA PHE A 223 -13.62 -16.66 5.47
C PHE A 223 -13.40 -17.94 6.23
N GLY A 224 -14.50 -18.60 6.57
CA GLY A 224 -14.42 -19.87 7.26
C GLY A 224 -13.75 -20.92 6.39
N ILE A 225 -14.09 -20.91 5.11
CA ILE A 225 -13.56 -21.93 4.25
C ILE A 225 -12.06 -21.71 3.99
N VAL A 226 -11.62 -20.47 3.74
CA VAL A 226 -10.18 -20.21 3.69
C VAL A 226 -9.48 -20.62 4.98
N LEU A 227 -10.11 -20.36 6.13
CA LEU A 227 -9.57 -20.84 7.38
C LEU A 227 -9.38 -22.33 7.26
N TYR A 228 -10.45 -23.01 6.82
CA TYR A 228 -10.37 -24.46 6.70
C TYR A 228 -9.34 -24.88 5.64
N GLU A 229 -9.07 -23.98 4.69
CA GLU A 229 -8.02 -24.20 3.71
C GLU A 229 -6.66 -24.14 4.38
N LEU A 230 -6.38 -23.01 5.04
CA LEU A 230 -5.11 -22.83 5.72
C LEU A 230 -4.84 -24.02 6.64
N MET A 231 -5.82 -24.34 7.47
CA MET A 231 -5.57 -25.27 8.54
C MET A 231 -5.54 -26.72 8.09
N THR A 232 -5.90 -26.98 6.84
CA THR A 232 -5.91 -28.36 6.37
C THR A 232 -5.11 -28.52 5.10
N GLY A 233 -4.99 -27.43 4.34
CA GLY A 233 -4.24 -27.46 3.11
C GLY A 233 -4.96 -28.15 1.96
N GLN A 234 -6.23 -28.46 2.17
CA GLN A 234 -7.06 -29.08 1.15
C GLN A 234 -8.32 -28.24 0.90
N LEU A 235 -8.99 -28.47 -0.24
CA LEU A 235 -10.31 -27.87 -0.40
C LEU A 235 -11.35 -28.81 0.21
N PRO A 236 -12.40 -28.24 0.81
CA PRO A 236 -13.41 -29.11 1.43
C PRO A 236 -14.01 -30.07 0.40
N TYR A 237 -14.54 -31.19 0.87
CA TYR A 237 -15.24 -32.15 0.00
C TYR A 237 -14.36 -32.61 -1.16
N SER A 238 -13.19 -33.20 -0.86
CA SER A 238 -12.29 -33.65 -1.90
C SER A 238 -12.59 -35.09 -2.32
N ASN A 239 -13.67 -35.64 -1.80
CA ASN A 239 -13.97 -37.05 -2.02
C ASN A 239 -15.35 -37.25 -2.63
N ILE A 240 -16.00 -36.15 -2.97
CA ILE A 240 -17.26 -36.21 -3.69
C ILE A 240 -17.10 -35.63 -5.10
N ASN A 241 -17.33 -36.45 -6.11
CA ASN A 241 -16.82 -36.12 -7.42
C ASN A 241 -17.87 -35.51 -8.33
N ASN A 242 -19.11 -35.51 -7.86
CA ASN A 242 -20.18 -34.84 -8.60
C ASN A 242 -20.48 -33.49 -7.95
N ARG A 243 -20.28 -32.41 -8.71
CA ARG A 243 -20.33 -31.07 -8.14
C ARG A 243 -21.75 -30.58 -7.92
N ASP A 244 -22.73 -31.39 -8.30
CA ASP A 244 -24.11 -31.04 -8.06
C ASP A 244 -24.50 -31.34 -6.63
N GLN A 245 -24.13 -32.53 -6.17
CA GLN A 245 -24.48 -32.94 -4.82
C GLN A 245 -23.87 -31.96 -3.83
N ILE A 246 -22.61 -31.63 -4.03
CA ILE A 246 -21.97 -30.67 -3.16
C ILE A 246 -22.98 -29.57 -2.98
N ILE A 247 -23.49 -29.04 -4.09
CA ILE A 247 -24.44 -27.93 -4.04
C ILE A 247 -25.67 -28.34 -3.26
N PHE A 248 -26.28 -29.45 -3.66
CA PHE A 248 -27.52 -29.88 -3.06
C PHE A 248 -27.39 -30.03 -1.55
N MET A 249 -26.41 -30.82 -1.14
CA MET A 249 -26.26 -31.16 0.27
C MET A 249 -25.90 -29.95 1.12
N VAL A 250 -24.92 -29.17 0.67
CA VAL A 250 -24.42 -28.03 1.44
C VAL A 250 -25.54 -27.07 1.79
N GLY A 251 -26.38 -26.79 0.78
CA GLY A 251 -27.49 -25.89 0.93
C GLY A 251 -28.62 -26.50 1.72
N ARG A 252 -28.77 -27.81 1.66
CA ARG A 252 -29.75 -28.44 2.52
C ARG A 252 -29.11 -28.75 3.88
N GLY A 253 -27.84 -28.44 4.01
CA GLY A 253 -27.16 -28.62 5.29
C GLY A 253 -26.88 -30.08 5.67
N TYR A 254 -27.01 -30.96 4.68
CA TYR A 254 -26.75 -32.37 4.89
C TYR A 254 -25.26 -32.58 4.86
N LEU A 255 -24.53 -31.63 4.27
CA LEU A 255 -23.09 -31.76 4.11
C LEU A 255 -22.40 -30.53 4.66
N SER A 256 -21.35 -30.71 5.43
CA SER A 256 -20.52 -29.58 5.82
C SER A 256 -19.08 -30.04 5.94
N PRO A 257 -18.14 -29.08 6.05
CA PRO A 257 -16.70 -29.34 6.16
C PRO A 257 -16.30 -30.28 7.29
N ASP A 258 -15.29 -31.12 7.01
CA ASP A 258 -14.88 -32.24 7.88
C ASP A 258 -13.90 -31.78 8.96
N LEU A 259 -14.37 -31.03 9.93
CA LEU A 259 -13.48 -30.30 10.82
C LEU A 259 -12.47 -31.15 11.56
N SER A 260 -12.48 -32.45 11.30
CA SER A 260 -11.54 -33.35 11.95
C SER A 260 -10.26 -33.47 11.15
N LYS A 261 -9.91 -32.40 10.44
CA LYS A 261 -8.74 -32.41 9.55
C LYS A 261 -7.79 -31.26 9.83
N VAL A 262 -8.21 -30.35 10.71
CA VAL A 262 -7.35 -29.24 11.09
C VAL A 262 -6.03 -29.77 11.68
N ARG A 263 -4.94 -29.61 10.94
CA ARG A 263 -3.74 -30.41 11.18
C ARG A 263 -3.30 -30.39 12.65
N SER A 264 -3.19 -31.60 13.23
CA SER A 264 -2.77 -31.86 14.61
C SER A 264 -2.51 -30.67 15.53
N ASN A 265 -1.64 -29.77 15.07
CA ASN A 265 -1.16 -28.63 15.86
C ASN A 265 -2.00 -27.36 15.68
N CYS A 266 -3.15 -27.49 15.03
CA CYS A 266 -4.04 -26.35 14.90
C CYS A 266 -4.61 -26.05 16.28
N PRO A 267 -4.36 -24.85 16.80
CA PRO A 267 -4.82 -24.43 18.13
C PRO A 267 -6.31 -24.65 18.32
N LYS A 268 -6.70 -25.17 19.48
CA LYS A 268 -8.10 -25.52 19.71
C LYS A 268 -8.98 -24.28 19.57
N ALA A 269 -8.44 -23.13 19.94
CA ALA A 269 -9.21 -21.90 19.90
C ALA A 269 -9.55 -21.48 18.47
N MET A 270 -8.71 -21.90 17.51
CA MET A 270 -8.94 -21.58 16.10
C MET A 270 -9.95 -22.55 15.51
N LYS A 271 -9.65 -23.84 15.57
CA LYS A 271 -10.57 -24.87 15.12
C LYS A 271 -11.98 -24.52 15.63
N ARG A 272 -12.06 -23.97 16.84
CA ARG A 272 -13.32 -23.61 17.45
C ARG A 272 -13.92 -22.43 16.71
N LEU A 273 -13.11 -21.41 16.46
CA LEU A 273 -13.52 -20.20 15.74
C LEU A 273 -13.92 -20.49 14.31
N MET A 274 -13.24 -21.45 13.71
CA MET A 274 -13.54 -21.84 12.36
C MET A 274 -14.95 -22.36 12.36
N ALA A 275 -15.17 -23.38 13.17
CA ALA A 275 -16.47 -24.02 13.26
C ALA A 275 -17.55 -22.99 13.55
N GLU A 276 -17.17 -21.96 14.30
CA GLU A 276 -18.07 -20.85 14.61
C GLU A 276 -18.35 -20.00 13.36
N CYS A 277 -17.35 -19.87 12.50
CA CYS A 277 -17.54 -19.06 11.31
C CYS A 277 -18.39 -19.78 10.31
N LEU A 278 -18.47 -21.10 10.42
CA LEU A 278 -19.09 -21.93 9.38
C LEU A 278 -20.55 -22.34 9.65
N LYS A 279 -21.21 -21.66 10.60
CA LYS A 279 -22.55 -22.09 11.03
C LYS A 279 -23.56 -22.00 9.90
N LYS A 280 -24.29 -23.08 9.66
CA LYS A 280 -25.27 -23.10 8.59
C LYS A 280 -26.30 -21.98 8.83
N LYS A 281 -26.57 -21.70 10.09
CA LYS A 281 -27.57 -20.70 10.47
C LYS A 281 -26.90 -19.34 10.51
N ARG A 282 -27.00 -18.57 9.44
CA ARG A 282 -26.15 -17.39 9.30
C ARG A 282 -26.11 -16.47 10.53
N ASP A 283 -27.14 -16.50 11.37
CA ASP A 283 -27.20 -15.61 12.53
C ASP A 283 -26.26 -16.01 13.67
N GLU A 284 -25.76 -17.24 13.64
CA GLU A 284 -24.93 -17.71 14.75
C GLU A 284 -23.47 -17.41 14.43
N ARG A 285 -23.23 -16.86 13.24
CA ARG A 285 -21.88 -16.51 12.78
C ARG A 285 -21.40 -15.21 13.38
N PRO A 286 -20.13 -15.17 13.79
CA PRO A 286 -19.53 -13.93 14.29
C PRO A 286 -19.27 -12.97 13.14
N LEU A 287 -19.41 -11.67 13.40
CA LEU A 287 -18.93 -10.66 12.47
C LEU A 287 -17.42 -10.55 12.58
N PHE A 288 -16.81 -9.69 11.78
CA PHE A 288 -15.37 -9.72 11.67
C PHE A 288 -14.60 -9.11 12.84
N PRO A 289 -15.09 -8.00 13.37
CA PRO A 289 -14.39 -7.46 14.54
C PRO A 289 -14.15 -8.52 15.61
N GLN A 290 -15.17 -9.32 15.89
CA GLN A 290 -15.03 -10.36 16.90
C GLN A 290 -14.07 -11.42 16.40
N ILE A 291 -14.15 -11.69 15.10
CA ILE A 291 -13.31 -12.71 14.48
C ILE A 291 -11.84 -12.32 14.55
N LEU A 292 -11.57 -11.07 14.22
CA LEU A 292 -10.24 -10.51 14.25
C LEU A 292 -9.74 -10.54 15.68
N ALA A 293 -10.64 -10.23 16.62
CA ALA A 293 -10.29 -10.13 18.04
C ALA A 293 -9.85 -11.48 18.61
N SER A 294 -10.49 -12.54 18.15
CA SER A 294 -10.21 -13.84 18.68
C SER A 294 -8.98 -14.42 18.00
N ILE A 295 -8.58 -13.83 16.88
CA ILE A 295 -7.36 -14.26 16.21
C ILE A 295 -6.16 -13.47 16.72
N GLU A 296 -6.36 -12.18 16.99
CA GLU A 296 -5.29 -11.37 17.51
C GLU A 296 -4.85 -11.92 18.86
N LEU A 297 -5.79 -12.52 19.60
CA LEU A 297 -5.52 -13.03 20.95
C LEU A 297 -4.91 -14.43 20.97
N LEU A 298 -5.39 -15.31 20.12
CA LEU A 298 -4.88 -16.68 20.14
C LEU A 298 -3.49 -16.70 19.54
N ALA A 299 -3.10 -15.60 18.90
CA ALA A 299 -1.77 -15.48 18.33
C ALA A 299 -0.72 -15.25 19.42
N ARG A 300 -0.93 -14.19 20.20
CA ARG A 300 -0.03 -13.82 21.30
C ARG A 300 0.00 -14.87 22.41
N SER A 301 -0.46 -16.07 22.09
CA SER A 301 -0.48 -17.19 23.04
C SER A 301 -0.03 -18.47 22.37
N LEU A 302 1.23 -18.52 21.93
CA LEU A 302 1.69 -19.66 21.15
C LEU A 302 3.21 -19.92 21.11
N PRO A 303 4.03 -18.88 20.83
CA PRO A 303 5.47 -19.07 20.58
C PRO A 303 6.34 -19.63 21.74
N LYS A 304 5.70 -20.07 22.83
CA LYS A 304 6.43 -20.51 24.03
C LYS A 304 6.26 -22.02 24.34
N ASP B 29 -17.91 7.88 0.27
CA ASP B 29 -16.84 8.69 -0.42
C ASP B 29 -15.73 9.17 0.53
N ASP B 30 -16.10 9.84 1.63
CA ASP B 30 -15.16 10.64 2.42
C ASP B 30 -14.41 9.89 3.56
N TRP B 31 -13.27 10.45 3.96
CA TRP B 31 -12.25 9.75 4.76
C TRP B 31 -12.16 10.16 6.22
N GLU B 32 -12.98 11.12 6.63
CA GLU B 32 -12.92 11.59 8.01
C GLU B 32 -13.20 10.42 8.96
N ILE B 33 -12.23 10.13 9.82
CA ILE B 33 -12.35 9.08 10.83
C ILE B 33 -12.92 9.59 12.14
N PRO B 34 -14.11 9.12 12.51
CA PRO B 34 -14.82 9.56 13.72
C PRO B 34 -14.01 9.40 15.01
N ASP B 35 -14.44 10.09 16.06
CA ASP B 35 -13.72 10.07 17.34
C ASP B 35 -13.70 8.65 17.87
N GLY B 36 -12.56 8.25 18.43
CA GLY B 36 -12.50 7.02 19.20
C GLY B 36 -12.55 5.71 18.42
N GLN B 37 -12.40 5.77 17.11
CA GLN B 37 -12.17 4.54 16.35
C GLN B 37 -10.67 4.22 16.39
N ILE B 38 -9.83 5.26 16.31
CA ILE B 38 -8.37 5.08 16.28
C ILE B 38 -7.85 4.93 17.69
N THR B 39 -7.08 3.86 17.93
CA THR B 39 -6.56 3.58 19.27
C THR B 39 -5.09 3.95 19.39
N VAL B 40 -4.83 5.18 19.83
CA VAL B 40 -3.48 5.74 19.80
C VAL B 40 -2.58 5.14 20.87
N GLY B 41 -1.54 4.44 20.43
CA GLY B 41 -0.70 3.70 21.36
C GLY B 41 0.68 4.29 21.57
N GLN B 42 1.70 3.46 21.39
CA GLN B 42 3.10 3.82 21.64
C GLN B 42 3.53 5.06 20.84
N ARG B 43 4.31 5.94 21.46
CA ARG B 43 4.74 7.19 20.82
C ARG B 43 6.08 7.03 20.08
N ILE B 44 6.25 7.73 18.97
CA ILE B 44 7.52 7.69 18.23
C ILE B 44 7.93 8.97 17.52
N GLY B 45 6.98 9.64 16.86
CA GLY B 45 7.27 10.93 16.26
C GLY B 45 7.32 12.06 17.27
N SER B 46 8.49 12.68 17.43
CA SER B 46 8.73 13.52 18.60
C SER B 46 8.64 15.03 18.36
N GLY B 47 8.58 15.46 17.10
CA GLY B 47 8.70 16.87 16.76
C GLY B 47 7.77 17.87 17.42
N SER B 48 7.84 19.13 16.99
CA SER B 48 7.03 20.20 17.58
C SER B 48 5.72 20.43 16.82
N PHE B 49 5.80 20.30 15.50
CA PHE B 49 4.61 20.27 14.65
C PHE B 49 4.14 18.83 14.58
N GLY B 50 3.09 18.51 15.33
CA GLY B 50 2.56 17.16 15.28
C GLY B 50 3.36 16.11 16.02
N THR B 51 2.77 14.92 16.16
CA THR B 51 3.38 13.86 16.95
C THR B 51 2.94 12.52 16.38
N VAL B 52 3.90 11.67 16.02
CA VAL B 52 3.55 10.41 15.37
C VAL B 52 3.41 9.30 16.38
N TYR B 53 2.30 8.57 16.28
CA TYR B 53 2.02 7.44 17.15
C TYR B 53 1.74 6.19 16.32
N LYS B 54 2.26 5.04 16.75
CA LYS B 54 1.72 3.79 16.23
C LYS B 54 0.32 3.66 16.81
N GLY B 55 -0.61 3.18 16.00
CA GLY B 55 -1.99 3.06 16.45
C GLY B 55 -2.64 1.82 15.92
N LYS B 56 -3.94 1.70 16.14
CA LYS B 56 -4.71 0.62 15.55
C LYS B 56 -6.00 1.16 14.94
N TRP B 57 -6.26 0.76 13.70
CA TRP B 57 -7.49 1.12 13.04
C TRP B 57 -7.62 0.19 11.88
N HIS B 58 -8.48 -0.82 12.01
CA HIS B 58 -8.48 -1.93 11.07
C HIS B 58 -7.07 -2.42 10.95
N GLY B 59 -6.44 -2.58 12.11
CA GLY B 59 -5.09 -3.06 12.12
C GLY B 59 -4.10 -1.94 12.31
N ASP B 60 -2.83 -2.30 12.28
CA ASP B 60 -1.75 -1.37 12.62
C ASP B 60 -1.76 -0.15 11.70
N VAL B 61 -1.81 1.03 12.33
CA VAL B 61 -1.81 2.29 11.59
C VAL B 61 -0.91 3.29 12.28
N ALA B 62 -0.19 4.08 11.49
CA ALA B 62 0.55 5.20 12.05
C ALA B 62 -0.37 6.40 12.06
N VAL B 63 -0.25 7.20 13.10
CA VAL B 63 -1.07 8.39 13.18
C VAL B 63 -0.22 9.57 13.59
N LYS B 64 -0.38 10.68 12.88
CA LYS B 64 0.32 11.91 13.23
C LYS B 64 -0.73 12.92 13.63
N MET B 65 -0.62 13.41 14.87
CA MET B 65 -1.55 14.40 15.40
C MET B 65 -0.87 15.76 15.37
N LEU B 66 -1.57 16.80 14.93
CA LEU B 66 -0.94 18.07 14.64
C LEU B 66 -0.78 18.96 15.87
N ASN B 67 -1.18 18.43 17.03
CA ASN B 67 -1.14 19.17 18.30
C ASN B 67 -1.28 20.70 18.21
N VAL B 68 -2.15 21.16 17.31
CA VAL B 68 -2.46 22.58 17.14
C VAL B 68 -3.54 23.06 18.09
N THR B 69 -3.79 22.30 19.16
CA THR B 69 -4.67 22.74 20.24
C THR B 69 -6.06 23.18 19.74
N ALA B 70 -6.60 22.42 18.79
CA ALA B 70 -7.94 22.65 18.23
C ALA B 70 -8.14 24.02 17.55
N PRO B 71 -8.48 24.00 16.25
CA PRO B 71 -8.91 25.18 15.48
C PRO B 71 -10.27 25.63 15.98
N THR B 72 -10.71 26.87 15.71
CA THR B 72 -10.01 27.94 14.97
C THR B 72 -10.24 27.93 13.45
N PRO B 73 -11.52 27.82 13.03
CA PRO B 73 -11.82 28.01 11.61
C PRO B 73 -11.38 29.37 11.12
N GLN B 74 -11.17 29.48 9.82
CA GLN B 74 -11.20 28.29 8.98
C GLN B 74 -9.78 27.84 8.65
N GLN B 75 -8.95 27.76 9.69
CA GLN B 75 -7.71 27.01 9.58
C GLN B 75 -8.13 25.60 9.16
N LEU B 76 -9.36 25.24 9.55
CA LEU B 76 -9.84 23.87 9.44
C LEU B 76 -10.11 23.53 7.98
N GLN B 77 -10.55 24.51 7.20
CA GLN B 77 -10.75 24.31 5.77
C GLN B 77 -9.41 24.16 5.06
N ALA B 78 -8.34 24.63 5.69
CA ALA B 78 -7.02 24.65 5.08
C ALA B 78 -6.29 23.35 5.32
N PHE B 79 -6.73 22.63 6.34
CA PHE B 79 -6.19 21.31 6.66
C PHE B 79 -6.85 20.27 5.77
N LYS B 80 -8.12 20.51 5.44
CA LYS B 80 -8.88 19.58 4.61
C LYS B 80 -8.31 19.58 3.20
N ASN B 81 -7.87 20.74 2.75
CA ASN B 81 -7.30 20.85 1.42
C ASN B 81 -5.96 20.11 1.33
N GLU B 82 -5.20 20.14 2.43
CA GLU B 82 -3.92 19.45 2.45
C GLU B 82 -4.11 17.95 2.39
N VAL B 83 -5.22 17.48 2.98
CA VAL B 83 -5.61 16.09 2.86
C VAL B 83 -5.95 15.83 1.40
N GLY B 84 -6.61 16.79 0.80
CA GLY B 84 -6.90 16.69 -0.63
C GLY B 84 -5.66 16.37 -1.45
N VAL B 85 -4.54 17.00 -1.11
CA VAL B 85 -3.29 16.72 -1.82
C VAL B 85 -2.93 15.25 -1.62
N LEU B 86 -3.04 14.78 -0.39
CA LEU B 86 -2.68 13.39 -0.04
C LEU B 86 -3.44 12.35 -0.87
N ARG B 87 -4.76 12.44 -0.89
CA ARG B 87 -5.55 11.40 -1.52
C ARG B 87 -5.51 11.48 -3.03
N LYS B 88 -4.71 12.41 -3.54
CA LYS B 88 -4.43 12.46 -4.95
C LYS B 88 -3.46 11.33 -5.26
N THR B 89 -2.87 10.76 -4.20
CA THR B 89 -1.83 9.75 -4.36
C THR B 89 -2.30 8.32 -4.11
N ARG B 90 -2.03 7.44 -5.07
CA ARG B 90 -2.30 6.02 -4.92
C ARG B 90 -1.24 5.24 -5.66
N HIS B 91 -0.12 5.00 -5.00
CA HIS B 91 0.98 4.30 -5.64
C HIS B 91 1.69 3.49 -4.59
N VAL B 92 2.31 2.41 -5.04
CA VAL B 92 2.89 1.43 -4.14
C VAL B 92 4.21 1.90 -3.56
N ASN B 93 4.74 3.01 -4.08
CA ASN B 93 5.92 3.60 -3.48
C ASN B 93 5.69 4.88 -2.72
N ILE B 94 4.54 5.53 -2.92
CA ILE B 94 4.16 6.64 -2.05
C ILE B 94 3.51 6.05 -0.82
N LEU B 95 3.78 6.61 0.36
CA LEU B 95 3.20 6.11 1.60
C LEU B 95 1.68 6.18 1.53
N LEU B 96 1.00 5.16 2.02
CA LEU B 96 -0.43 5.04 1.77
C LEU B 96 -1.24 5.89 2.71
N PHE B 97 -1.90 6.91 2.16
CA PHE B 97 -2.87 7.65 2.95
C PHE B 97 -4.09 6.81 3.25
N MET B 98 -4.51 6.79 4.51
CA MET B 98 -5.57 5.89 4.95
C MET B 98 -6.85 6.61 5.38
N GLY B 99 -6.67 7.81 5.92
CA GLY B 99 -7.78 8.64 6.36
C GLY B 99 -7.23 9.72 7.28
N TYR B 100 -8.04 10.71 7.63
CA TYR B 100 -7.62 11.77 8.55
C TYR B 100 -8.59 11.95 9.70
N SER B 101 -8.24 12.82 10.65
CA SER B 101 -9.05 12.99 11.85
C SER B 101 -9.17 14.47 12.19
N THR B 102 -10.38 14.91 12.54
CA THR B 102 -10.61 16.27 13.06
C THR B 102 -11.11 16.28 14.50
N LYS B 103 -11.42 15.11 15.03
CA LYS B 103 -12.18 15.05 16.27
C LYS B 103 -11.36 15.34 17.52
N PRO B 104 -10.56 14.38 18.02
CA PRO B 104 -9.85 14.75 19.24
C PRO B 104 -8.80 15.85 19.00
N GLN B 105 -7.88 15.60 18.05
CA GLN B 105 -7.05 16.64 17.46
C GLN B 105 -7.37 16.74 15.97
N LEU B 106 -6.53 17.44 15.22
CA LEU B 106 -6.35 17.15 13.81
C LEU B 106 -5.37 15.98 13.71
N ALA B 107 -5.45 15.20 12.66
CA ALA B 107 -4.45 14.18 12.42
C ALA B 107 -4.49 13.57 11.03
N ILE B 108 -3.48 12.76 10.74
CA ILE B 108 -3.51 11.95 9.56
C ILE B 108 -3.08 10.54 9.91
N VAL B 109 -3.87 9.56 9.51
CA VAL B 109 -3.51 8.19 9.76
C VAL B 109 -3.01 7.64 8.46
N THR B 110 -1.87 6.98 8.50
CA THR B 110 -1.34 6.30 7.32
C THR B 110 -1.09 4.86 7.68
N GLN B 111 -0.89 4.01 6.69
CA GLN B 111 -0.47 2.63 6.95
C GLN B 111 0.68 2.61 7.94
N TRP B 112 0.82 1.49 8.64
CA TRP B 112 1.99 1.28 9.46
C TRP B 112 2.99 0.39 8.75
N CYS B 113 4.21 0.89 8.60
CA CYS B 113 5.26 0.14 7.95
C CYS B 113 6.10 -0.55 9.01
N GLU B 114 6.23 -1.87 8.92
CA GLU B 114 7.07 -2.58 9.87
C GLU B 114 8.50 -2.50 9.36
N GLY B 115 9.40 -1.98 10.20
CA GLY B 115 10.77 -1.80 9.76
C GLY B 115 11.13 -0.34 9.84
N SER B 116 12.39 0.01 9.61
CA SER B 116 12.86 1.35 9.96
C SER B 116 12.68 2.41 8.91
N SER B 117 13.75 3.15 8.63
CA SER B 117 13.65 4.26 7.70
C SER B 117 15.03 4.62 7.20
N LEU B 118 15.15 4.80 5.90
CA LEU B 118 16.45 4.82 5.26
C LEU B 118 17.52 5.49 6.14
N TYR B 119 17.18 6.63 6.72
CA TYR B 119 18.12 7.36 7.57
C TYR B 119 18.58 6.44 8.67
N HIS B 120 17.62 5.88 9.38
CA HIS B 120 17.93 5.00 10.50
C HIS B 120 18.87 3.90 10.07
N HIS B 121 18.60 3.30 8.92
CA HIS B 121 19.42 2.20 8.43
C HIS B 121 20.85 2.63 8.17
N LEU B 122 21.01 3.74 7.47
CA LEU B 122 22.30 4.14 6.94
C LEU B 122 23.18 4.77 8.00
N HIS B 123 22.55 5.36 9.02
CA HIS B 123 23.23 6.34 9.88
C HIS B 123 23.05 6.08 11.36
N ILE B 124 22.00 5.37 11.72
CA ILE B 124 21.82 4.99 13.10
C ILE B 124 22.39 3.63 13.40
N ILE B 125 21.87 2.61 12.72
CA ILE B 125 22.33 1.25 12.97
C ILE B 125 23.45 0.85 12.04
N GLU B 126 23.59 1.57 10.93
CA GLU B 126 24.66 1.32 9.97
C GLU B 126 24.54 -0.07 9.36
N THR B 127 23.37 -0.30 8.79
CA THR B 127 23.13 -1.42 7.90
C THR B 127 24.10 -1.49 6.72
N LYS B 128 24.68 -2.65 6.49
CA LYS B 128 25.46 -2.89 5.28
C LYS B 128 24.54 -3.40 4.18
N PHE B 129 24.09 -2.50 3.32
CA PHE B 129 23.23 -2.90 2.21
C PHE B 129 24.05 -3.42 1.05
N GLU B 130 23.67 -4.57 0.53
CA GLU B 130 24.26 -5.10 -0.70
C GLU B 130 23.98 -4.12 -1.85
N MET B 131 24.94 -3.95 -2.77
CA MET B 131 24.82 -2.89 -3.78
C MET B 131 23.58 -3.02 -4.66
N ILE B 132 23.20 -4.26 -4.96
CA ILE B 132 22.04 -4.51 -5.82
C ILE B 132 20.82 -3.87 -5.16
N LYS B 133 20.71 -4.02 -3.85
CA LYS B 133 19.63 -3.40 -3.10
C LYS B 133 19.71 -1.89 -3.23
N LEU B 134 20.89 -1.33 -2.97
CA LEU B 134 21.05 0.12 -2.89
C LEU B 134 20.50 0.75 -4.16
N ILE B 135 20.90 0.20 -5.28
CA ILE B 135 20.38 0.67 -6.53
C ILE B 135 18.87 0.51 -6.50
N ASP B 136 18.40 -0.62 -5.98
CA ASP B 136 16.95 -0.86 -5.92
C ASP B 136 16.28 0.24 -5.11
N ILE B 137 16.83 0.56 -3.94
CA ILE B 137 16.24 1.58 -3.10
C ILE B 137 16.28 2.92 -3.80
N ALA B 138 17.29 3.13 -4.62
CA ALA B 138 17.32 4.35 -5.41
C ALA B 138 16.13 4.34 -6.37
N ARG B 139 16.01 3.24 -7.14
CA ARG B 139 14.95 3.17 -8.15
C ARG B 139 13.59 3.48 -7.55
N GLN B 140 13.16 2.63 -6.62
CA GLN B 140 11.85 2.80 -6.00
C GLN B 140 11.66 4.25 -5.62
N THR B 141 12.64 4.81 -4.92
CA THR B 141 12.53 6.20 -4.55
C THR B 141 12.24 6.97 -5.81
N ALA B 142 13.08 6.76 -6.82
CA ALA B 142 12.89 7.46 -8.08
C ALA B 142 11.50 7.11 -8.63
N GLN B 143 11.14 5.85 -8.51
CA GLN B 143 9.84 5.39 -8.97
C GLN B 143 8.76 6.26 -8.38
N GLY B 144 8.74 6.32 -7.06
CA GLY B 144 7.70 7.06 -6.37
C GLY B 144 7.69 8.54 -6.73
N MET B 145 8.88 9.15 -6.69
CA MET B 145 9.01 10.57 -6.99
C MET B 145 8.44 10.87 -8.37
N ASP B 146 8.80 10.04 -9.34
CA ASP B 146 8.30 10.23 -10.69
C ASP B 146 6.79 10.34 -10.62
N TYR B 147 6.21 9.58 -9.71
CA TYR B 147 4.75 9.56 -9.57
C TYR B 147 4.28 10.84 -8.91
N LEU B 148 4.91 11.17 -7.79
CA LEU B 148 4.53 12.35 -7.05
C LEU B 148 4.46 13.53 -7.99
N HIS B 149 5.44 13.60 -8.88
CA HIS B 149 5.53 14.69 -9.82
C HIS B 149 4.46 14.57 -10.87
N ALA B 150 4.43 13.43 -11.55
CA ALA B 150 3.49 13.27 -12.64
C ALA B 150 2.14 13.84 -12.25
N LYS B 151 1.80 13.74 -10.96
CA LYS B 151 0.54 14.28 -10.45
C LYS B 151 0.73 15.59 -9.70
N SER B 152 1.61 16.43 -10.24
CA SER B 152 1.80 17.82 -9.81
C SER B 152 2.04 18.05 -8.33
N ILE B 153 2.63 17.06 -7.68
CA ILE B 153 2.98 17.23 -6.28
C ILE B 153 4.48 17.44 -6.15
N ILE B 154 4.87 18.50 -5.45
CA ILE B 154 6.29 18.68 -5.15
C ILE B 154 6.52 18.27 -3.72
N HIS B 155 7.56 17.48 -3.49
CA HIS B 155 7.71 16.93 -2.17
C HIS B 155 8.17 17.97 -1.17
N ARG B 156 9.16 18.76 -1.55
CA ARG B 156 9.60 19.89 -0.71
C ARG B 156 10.46 19.46 0.50
N ASP B 157 10.58 18.15 0.73
CA ASP B 157 11.51 17.66 1.73
C ASP B 157 11.82 16.18 1.60
N LEU B 158 12.25 15.76 0.42
CA LEU B 158 12.73 14.41 0.31
C LEU B 158 13.96 14.35 1.19
N LYS B 159 14.20 13.18 1.75
CA LYS B 159 15.40 12.90 2.52
C LYS B 159 15.28 11.54 3.20
N SER B 160 16.41 10.90 3.47
CA SER B 160 16.43 9.50 3.86
C SER B 160 15.54 9.20 5.04
N ASN B 161 15.18 10.23 5.82
CA ASN B 161 14.33 10.04 7.00
C ASN B 161 12.83 10.07 6.68
N ASN B 162 12.50 10.34 5.42
CA ASN B 162 11.12 10.25 4.95
C ASN B 162 11.00 9.15 3.92
N ILE B 163 12.09 8.44 3.68
CA ILE B 163 12.05 7.24 2.87
C ILE B 163 12.04 6.07 3.85
N PHE B 164 10.96 5.29 3.85
CA PHE B 164 10.84 4.15 4.77
C PHE B 164 10.97 2.84 4.00
N LEU B 165 11.83 1.96 4.49
CA LEU B 165 11.92 0.64 3.91
C LEU B 165 10.95 -0.27 4.61
N HIS B 166 9.87 -0.64 3.94
CA HIS B 166 8.84 -1.43 4.57
C HIS B 166 9.08 -2.92 4.36
N GLU B 167 9.07 -3.69 5.45
CA GLU B 167 9.48 -5.09 5.41
C GLU B 167 10.84 -5.24 4.74
N ASP B 168 11.54 -4.10 4.65
CA ASP B 168 12.96 -4.04 4.29
C ASP B 168 13.23 -4.09 2.78
N LEU B 169 12.19 -4.32 1.97
CA LEU B 169 12.39 -4.37 0.53
C LEU B 169 11.59 -3.37 -0.30
N THR B 170 10.54 -2.82 0.28
CA THR B 170 9.71 -1.84 -0.40
C THR B 170 9.94 -0.43 0.13
N VAL B 171 9.80 0.57 -0.73
CA VAL B 171 10.08 1.93 -0.34
C VAL B 171 8.78 2.73 -0.32
N LYS B 172 8.53 3.42 0.78
CA LYS B 172 7.36 4.29 0.85
C LYS B 172 7.78 5.74 1.06
N ILE B 173 7.35 6.63 0.19
CA ILE B 173 7.73 8.04 0.25
C ILE B 173 6.91 8.81 1.27
N GLY B 174 7.56 9.72 1.99
CA GLY B 174 7.17 10.02 3.35
C GLY B 174 6.46 11.32 3.62
N ASP B 175 7.22 12.33 4.01
CA ASP B 175 6.62 13.42 4.76
C ASP B 175 6.24 14.57 3.85
N PHE B 176 5.58 14.29 2.74
CA PHE B 176 5.32 15.34 1.77
C PHE B 176 3.98 16.04 1.96
N GLY B 177 3.19 15.55 2.89
CA GLY B 177 1.89 16.16 3.10
C GLY B 177 1.97 17.58 3.64
N LEU B 178 0.81 18.24 3.65
CA LEU B 178 0.68 19.56 4.24
C LEU B 178 1.62 20.52 3.51
N ALA B 179 2.38 21.29 4.27
CA ALA B 179 3.26 22.32 3.72
C ALA B 179 2.51 23.65 3.57
N THR B 180 1.41 23.64 2.83
CA THR B 180 0.58 24.84 2.74
C THR B 180 0.14 25.21 4.14
N VAL B 181 0.13 24.22 5.02
CA VAL B 181 -0.34 24.40 6.39
C VAL B 181 0.83 24.44 7.37
N LYS B 182 1.84 25.23 7.04
CA LYS B 182 3.10 25.21 7.77
C LYS B 182 3.81 26.54 7.57
N SER B 183 3.63 27.09 6.37
CA SER B 183 4.16 28.40 6.02
C SER B 183 3.13 29.50 6.29
N ARG B 184 1.91 29.08 6.61
CA ARG B 184 0.86 30.02 6.99
C ARG B 184 0.47 29.83 8.46
N TRP B 185 1.17 28.94 9.15
CA TRP B 185 0.85 28.62 10.55
C TRP B 185 1.98 28.89 11.53
N SER B 186 1.60 29.21 12.77
CA SER B 186 2.54 29.61 13.80
C SER B 186 3.11 28.43 14.60
N GLY B 187 4.41 28.52 14.87
CA GLY B 187 5.12 27.46 15.57
C GLY B 187 6.61 27.47 15.23
N SER B 188 7.39 26.69 15.97
CA SER B 188 8.82 26.56 15.70
C SER B 188 9.07 25.50 14.63
N HIS B 189 8.08 25.29 13.77
CA HIS B 189 8.10 24.16 12.85
C HIS B 189 8.53 24.53 11.43
N GLN B 190 8.59 25.82 11.13
CA GLN B 190 9.32 26.27 9.93
C GLN B 190 10.56 26.99 10.43
N PHE B 191 11.18 26.37 11.43
CA PHE B 191 12.52 26.68 11.85
C PHE B 191 13.21 25.40 12.25
N GLU B 192 12.42 24.35 12.48
CA GLU B 192 12.94 23.01 12.70
C GLU B 192 13.13 22.28 11.37
N GLN B 193 12.03 22.07 10.65
CA GLN B 193 12.07 21.25 9.43
C GLN B 193 12.45 22.06 8.18
N LEU B 194 12.74 23.35 8.38
CA LEU B 194 13.88 24.00 7.72
C LEU B 194 15.03 24.02 8.71
N SER B 195 15.80 22.93 8.77
CA SER B 195 16.96 22.89 9.64
C SER B 195 17.51 21.49 9.67
N GLY B 196 16.73 20.58 10.23
CA GLY B 196 17.17 19.20 10.32
C GLY B 196 17.37 18.67 8.93
N SER B 197 16.75 19.37 7.98
CA SER B 197 16.96 19.08 6.57
C SER B 197 17.52 20.30 5.88
N ILE B 198 18.84 20.40 5.82
CA ILE B 198 19.48 21.35 4.94
C ILE B 198 20.35 20.57 3.97
N LEU B 199 20.90 19.45 4.43
CA LEU B 199 21.81 18.65 3.62
C LEU B 199 21.23 18.31 2.26
N TRP B 200 19.91 18.25 2.19
CA TRP B 200 19.23 17.88 0.95
C TRP B 200 18.68 19.07 0.16
N MET B 201 18.86 20.29 0.67
CA MET B 201 18.41 21.49 -0.03
C MET B 201 19.36 21.88 -1.13
N ALA B 202 18.88 21.90 -2.37
CA ALA B 202 19.66 22.43 -3.47
C ALA B 202 19.95 23.88 -3.17
N PRO B 203 21.04 24.41 -3.70
CA PRO B 203 21.52 25.75 -3.34
C PRO B 203 20.43 26.79 -3.49
N GLU B 204 19.81 26.78 -4.67
CA GLU B 204 18.84 27.81 -5.02
C GLU B 204 17.69 27.86 -4.02
N VAL B 205 17.64 26.86 -3.17
CA VAL B 205 16.71 26.86 -2.05
C VAL B 205 17.34 27.39 -0.77
N ILE B 206 18.60 27.03 -0.51
CA ILE B 206 19.24 27.42 0.74
C ILE B 206 19.23 28.91 0.96
N ARG B 207 19.77 29.64 -0.01
CA ARG B 207 19.71 31.10 0.02
C ARG B 207 18.31 31.45 -0.45
N MET B 208 17.42 31.77 0.48
CA MET B 208 16.06 32.07 0.08
C MET B 208 16.06 33.26 -0.87
N GLN B 209 16.17 32.95 -2.16
CA GLN B 209 16.30 33.98 -3.17
C GLN B 209 14.99 34.73 -3.32
N ASP B 210 13.86 34.02 -3.30
CA ASP B 210 12.55 34.68 -3.36
C ASP B 210 11.39 33.92 -2.70
N LYS B 211 10.29 33.79 -3.43
CA LYS B 211 9.05 33.19 -2.90
C LYS B 211 8.99 31.67 -3.14
N ASN B 212 9.19 31.25 -4.40
CA ASN B 212 9.15 29.83 -4.72
C ASN B 212 10.45 29.33 -5.34
N PRO B 213 11.42 28.98 -4.48
CA PRO B 213 12.63 28.27 -4.88
C PRO B 213 12.32 26.81 -5.21
N TYR B 214 11.23 26.30 -4.62
CA TYR B 214 10.91 24.88 -4.67
C TYR B 214 10.29 24.47 -6.00
N SER B 215 10.63 23.27 -6.45
CA SER B 215 10.32 22.88 -7.82
C SER B 215 10.82 21.48 -8.03
N PHE B 216 10.40 20.85 -9.12
CA PHE B 216 10.80 19.48 -9.39
C PHE B 216 12.29 19.33 -9.17
N GLN B 217 13.07 20.27 -9.70
CA GLN B 217 14.50 20.14 -9.63
C GLN B 217 15.03 20.31 -8.21
N SER B 218 14.38 21.17 -7.44
CA SER B 218 14.61 21.23 -6.00
C SER B 218 14.58 19.81 -5.46
N ASP B 219 13.51 19.09 -5.83
CA ASP B 219 13.31 17.72 -5.38
C ASP B 219 14.42 16.82 -5.87
N VAL B 220 14.77 16.92 -7.16
CA VAL B 220 15.85 16.07 -7.69
C VAL B 220 17.12 16.17 -6.85
N TYR B 221 17.59 17.39 -6.59
CA TYR B 221 18.83 17.58 -5.89
C TYR B 221 18.80 16.77 -4.62
N ALA B 222 17.69 16.87 -3.90
CA ALA B 222 17.56 16.06 -2.70
C ALA B 222 17.67 14.59 -3.09
N PHE B 223 16.97 14.17 -4.14
CA PHE B 223 17.12 12.80 -4.60
C PHE B 223 18.60 12.50 -4.78
N GLY B 224 19.33 13.53 -5.18
CA GLY B 224 20.74 13.38 -5.43
C GLY B 224 21.44 13.10 -4.12
N ILE B 225 20.99 13.74 -3.06
CA ILE B 225 21.69 13.57 -1.81
C ILE B 225 21.42 12.18 -1.23
N VAL B 226 20.18 11.69 -1.31
CA VAL B 226 19.92 10.30 -0.91
C VAL B 226 20.74 9.33 -1.74
N LEU B 227 20.85 9.59 -3.04
CA LEU B 227 21.73 8.79 -3.87
C LEU B 227 23.11 8.80 -3.23
N TYR B 228 23.62 9.99 -2.95
CA TYR B 228 24.95 10.10 -2.39
C TYR B 228 24.98 9.42 -1.01
N GLU B 229 23.83 9.36 -0.34
CA GLU B 229 23.70 8.63 0.93
C GLU B 229 23.90 7.15 0.68
N LEU B 230 23.08 6.60 -0.22
CA LEU B 230 23.13 5.17 -0.53
C LEU B 230 24.54 4.77 -0.92
N MET B 231 25.12 5.54 -1.82
CA MET B 231 26.35 5.09 -2.42
C MET B 231 27.60 5.34 -1.54
N THR B 232 27.43 6.04 -0.44
CA THR B 232 28.57 6.30 0.44
C THR B 232 28.31 5.91 1.88
N GLY B 233 27.03 5.91 2.26
CA GLY B 233 26.67 5.48 3.59
C GLY B 233 26.92 6.54 4.64
N GLN B 234 27.24 7.74 4.18
CA GLN B 234 27.46 8.88 5.07
C GLN B 234 26.60 10.08 4.67
N LEU B 235 26.43 11.04 5.56
CA LEU B 235 25.80 12.29 5.16
C LEU B 235 26.88 13.20 4.63
N PRO B 236 26.55 14.02 3.61
CA PRO B 236 27.57 14.88 3.04
C PRO B 236 28.13 15.83 4.09
N TYR B 237 29.33 16.34 3.87
CA TYR B 237 29.92 17.32 4.78
C TYR B 237 30.00 16.81 6.22
N SER B 238 30.66 15.68 6.45
CA SER B 238 30.77 15.14 7.80
C SER B 238 31.99 15.65 8.54
N ASN B 239 32.68 16.62 7.95
CA ASN B 239 33.93 17.09 8.52
C ASN B 239 33.88 18.59 8.78
N ILE B 240 32.73 19.19 8.53
CA ILE B 240 32.54 20.59 8.84
C ILE B 240 31.52 20.75 9.97
N ASN B 241 31.97 21.24 11.12
CA ASN B 241 31.21 21.11 12.34
C ASN B 241 30.32 22.30 12.68
N ASN B 242 30.44 23.38 11.90
CA ASN B 242 29.56 24.54 12.08
C ASN B 242 28.52 24.52 10.97
N ARG B 243 27.27 24.45 11.36
CA ARG B 243 26.21 24.21 10.39
C ARG B 243 25.80 25.47 9.64
N ASP B 244 26.45 26.58 9.95
CA ASP B 244 26.19 27.84 9.25
C ASP B 244 26.93 27.88 7.94
N GLN B 245 28.20 27.52 8.00
CA GLN B 245 29.04 27.54 6.83
C GLN B 245 28.43 26.61 5.81
N ILE B 246 28.02 25.42 6.25
CA ILE B 246 27.41 24.46 5.35
C ILE B 246 26.42 25.27 4.53
N ILE B 247 25.57 25.99 5.23
CA ILE B 247 24.55 26.80 4.56
C ILE B 247 25.20 27.82 3.63
N PHE B 248 26.07 28.65 4.18
CA PHE B 248 26.70 29.71 3.42
C PHE B 248 27.32 29.17 2.13
N MET B 249 28.20 28.19 2.30
CA MET B 249 28.99 27.69 1.20
C MET B 249 28.15 27.01 0.13
N VAL B 250 27.27 26.12 0.57
CA VAL B 250 26.44 25.33 -0.35
C VAL B 250 25.67 26.24 -1.30
N GLY B 251 25.07 27.27 -0.71
CA GLY B 251 24.28 28.20 -1.47
C GLY B 251 25.10 29.16 -2.30
N ARG B 252 26.32 29.44 -1.86
CA ARG B 252 27.20 30.20 -2.71
C ARG B 252 27.96 29.27 -3.67
N GLY B 253 27.71 27.97 -3.54
CA GLY B 253 28.30 27.01 -4.46
C GLY B 253 29.80 26.83 -4.28
N TYR B 254 30.28 27.31 -3.15
CA TYR B 254 31.66 27.11 -2.76
C TYR B 254 31.86 25.71 -2.26
N LEU B 255 30.78 25.09 -1.81
CA LEU B 255 30.84 23.75 -1.24
C LEU B 255 29.88 22.81 -1.95
N SER B 256 30.33 21.62 -2.31
CA SER B 256 29.41 20.59 -2.76
C SER B 256 29.89 19.21 -2.32
N PRO B 257 29.02 18.21 -2.41
CA PRO B 257 29.30 16.82 -2.03
C PRO B 257 30.59 16.25 -2.64
N ASP B 258 31.30 15.47 -1.85
CA ASP B 258 32.63 14.95 -2.20
C ASP B 258 32.57 13.65 -3.04
N LEU B 259 32.17 13.77 -4.30
CA LEU B 259 31.80 12.61 -5.10
C LEU B 259 32.89 11.56 -5.28
N SER B 260 34.02 11.76 -4.63
CA SER B 260 35.07 10.76 -4.65
C SER B 260 34.92 9.75 -3.51
N LYS B 261 33.67 9.48 -3.10
CA LYS B 261 33.41 8.59 -1.98
C LYS B 261 32.42 7.49 -2.33
N VAL B 262 31.85 7.56 -3.53
CA VAL B 262 30.94 6.52 -3.98
C VAL B 262 31.64 5.16 -3.97
N ARG B 263 31.21 4.29 -3.07
CA ARG B 263 32.07 3.17 -2.67
C ARG B 263 32.53 2.36 -3.89
N SER B 264 33.86 2.24 -4.00
CA SER B 264 34.57 1.51 -5.05
C SER B 264 33.74 0.90 -6.19
N ASN B 265 32.74 0.10 -5.81
CA ASN B 265 31.95 -0.70 -6.75
C ASN B 265 30.69 0.02 -7.21
N CYS B 266 30.61 1.32 -6.93
CA CYS B 266 29.49 2.09 -7.41
C CYS B 266 29.66 2.24 -8.91
N PRO B 267 28.70 1.72 -9.68
CA PRO B 267 28.72 1.78 -11.14
C PRO B 267 28.97 3.18 -11.67
N LYS B 268 29.85 3.30 -12.65
CA LYS B 268 30.21 4.63 -13.14
C LYS B 268 28.97 5.37 -13.63
N ALA B 269 28.02 4.64 -14.19
CA ALA B 269 26.85 5.29 -14.76
C ALA B 269 26.01 5.94 -13.69
N MET B 270 26.10 5.43 -12.47
CA MET B 270 25.32 5.98 -11.36
C MET B 270 26.01 7.21 -10.79
N LYS B 271 27.25 7.03 -10.34
CA LYS B 271 28.08 8.14 -9.90
C LYS B 271 27.90 9.31 -10.86
N ARG B 272 27.80 9.00 -12.16
CA ARG B 272 27.63 10.02 -13.19
C ARG B 272 26.25 10.67 -13.06
N LEU B 273 25.23 9.84 -12.90
CA LEU B 273 23.84 10.31 -12.77
C LEU B 273 23.64 11.11 -11.49
N MET B 274 24.35 10.72 -10.44
CA MET B 274 24.28 11.41 -9.17
C MET B 274 24.77 12.80 -9.39
N ALA B 275 26.01 12.90 -9.85
CA ALA B 275 26.63 14.20 -10.12
C ALA B 275 25.71 15.05 -11.00
N GLU B 276 25.01 14.38 -11.92
CA GLU B 276 24.06 15.04 -12.81
C GLU B 276 22.88 15.55 -12.01
N CYS B 277 22.47 14.81 -10.97
CA CYS B 277 21.31 15.23 -10.22
C CYS B 277 21.65 16.38 -9.31
N LEU B 278 22.93 16.54 -9.02
CA LEU B 278 23.35 17.52 -8.00
C LEU B 278 23.82 18.88 -8.52
N LYS B 279 23.49 19.21 -9.78
CA LYS B 279 24.00 20.42 -10.43
C LYS B 279 23.52 21.69 -9.73
N LYS B 280 24.47 22.56 -9.39
CA LYS B 280 24.14 23.79 -8.67
C LYS B 280 23.14 24.58 -9.51
N LYS B 281 23.31 24.47 -10.83
CA LYS B 281 22.49 25.24 -11.77
C LYS B 281 21.23 24.45 -12.08
N ARG B 282 20.14 24.76 -11.38
CA ARG B 282 18.97 23.88 -11.37
C ARG B 282 18.49 23.43 -12.75
N ASP B 283 18.84 24.17 -13.80
CA ASP B 283 18.39 23.85 -15.15
C ASP B 283 19.16 22.71 -15.82
N GLU B 284 20.31 22.35 -15.25
CA GLU B 284 21.12 21.29 -15.84
C GLU B 284 20.74 19.93 -15.24
N ARG B 285 19.84 19.95 -14.25
CA ARG B 285 19.37 18.74 -13.58
C ARG B 285 18.32 18.02 -14.40
N PRO B 286 18.41 16.69 -14.44
CA PRO B 286 17.41 15.87 -15.10
C PRO B 286 16.13 15.84 -14.29
N LEU B 287 14.99 15.78 -14.97
CA LEU B 287 13.73 15.45 -14.31
C LEU B 287 13.70 13.96 -14.00
N PHE B 288 12.63 13.48 -13.37
CA PHE B 288 12.63 12.13 -12.85
C PHE B 288 12.41 11.01 -13.88
N PRO B 289 11.54 11.23 -14.86
CA PRO B 289 11.41 10.21 -15.90
C PRO B 289 12.77 9.80 -16.49
N GLN B 290 13.60 10.78 -16.82
CA GLN B 290 14.94 10.50 -17.34
C GLN B 290 15.80 9.83 -16.27
N ILE B 291 15.62 10.26 -15.02
CA ILE B 291 16.38 9.72 -13.89
C ILE B 291 16.05 8.26 -13.65
N LEU B 292 14.75 7.98 -13.67
CA LEU B 292 14.24 6.62 -13.53
C LEU B 292 14.74 5.76 -14.67
N ALA B 293 14.72 6.34 -15.87
CA ALA B 293 15.11 5.62 -17.09
C ALA B 293 16.56 5.16 -17.05
N SER B 294 17.42 6.02 -16.50
CA SER B 294 18.84 5.74 -16.51
C SER B 294 19.17 4.82 -15.35
N ILE B 295 18.25 4.68 -14.40
CA ILE B 295 18.44 3.72 -13.31
C ILE B 295 17.87 2.35 -13.67
N GLU B 296 16.73 2.34 -14.38
CA GLU B 296 16.14 1.08 -14.81
C GLU B 296 17.11 0.36 -15.74
N LEU B 297 17.91 1.12 -16.48
CA LEU B 297 18.85 0.56 -17.47
C LEU B 297 20.18 0.11 -16.88
N LEU B 298 20.75 0.89 -15.98
CA LEU B 298 22.04 0.53 -15.42
C LEU B 298 21.87 -0.65 -14.48
N ALA B 299 20.62 -0.95 -14.13
CA ALA B 299 20.33 -2.10 -13.28
C ALA B 299 20.49 -3.40 -14.06
N ARG B 300 19.73 -3.51 -15.16
CA ARG B 300 19.75 -4.71 -15.99
C ARG B 300 21.10 -4.92 -16.66
N SER B 301 22.14 -4.28 -16.12
CA SER B 301 23.49 -4.42 -16.65
C SER B 301 24.49 -4.54 -15.50
N LEU B 302 24.42 -5.64 -14.75
CA LEU B 302 25.25 -5.75 -13.55
C LEU B 302 25.50 -7.17 -13.02
N PRO B 303 24.42 -7.98 -12.85
CA PRO B 303 24.54 -9.27 -12.15
C PRO B 303 25.45 -10.35 -12.77
N LYS B 304 26.22 -9.99 -13.81
CA LYS B 304 27.04 -10.95 -14.56
C LYS B 304 28.56 -10.74 -14.41
C1 DFS C . -1.84 -10.36 -10.23
C2 DFS C . -0.92 -9.59 -9.60
N3 DFS C . -1.17 -8.42 -8.98
C4 DFS C . -2.48 -8.03 -9.04
C5 DFS C . -3.48 -8.74 -9.65
C6 DFS C . -3.15 -9.94 -10.27
N7 DFS C . -1.30 -11.52 -10.78
C8 DFS C . -0.02 -11.39 -10.43
N9 DFS C . 0.29 -10.28 -9.74
N10 DFS C . -4.84 -8.30 -9.68
C11 DFS C . -5.86 -8.87 -10.33
C12 DFS C . -7.21 -8.23 -10.15
O13 DFS C . -5.75 -9.90 -11.00
C14 DFS C . -7.44 -7.36 -9.15
C15 DFS C . -8.77 -6.78 -8.99
C16 DFS C . -9.76 -7.10 -9.82
C17 DFS C . -9.51 -7.97 -10.84
C18 DFS C . -8.21 -8.55 -11.00
F19 DFS C . -7.97 -9.44 -12.00
F20 DFS C . -6.43 -7.04 -8.32
N21 DFS C . -9.09 -6.02 -8.13
S22 DFS C . -10.64 -5.35 -7.86
C23 DFS C . -10.96 -4.49 -9.45
C24 DFS C . -12.47 -4.39 -9.72
C25 DFS C . -13.07 -5.72 -10.25
O26 DFS C . -11.64 -6.44 -7.73
O27 DFS C . -10.57 -4.34 -6.79
C1 DFS D . 6.13 5.23 10.98
C2 DFS D . 5.81 4.07 10.32
N3 DFS D . 4.97 3.98 9.27
C4 DFS D . 4.44 5.18 8.90
C5 DFS D . 4.69 6.40 9.49
C6 DFS D . 5.55 6.45 10.55
N7 DFS D . 7.02 4.98 12.01
C8 DFS D . 7.17 3.67 11.91
N9 DFS D . 6.48 3.07 10.92
N10 DFS D . 4.03 7.55 9.00
C11 DFS D . 4.43 8.82 8.97
C12 DFS D . 3.41 9.77 8.39
O13 DFS D . 5.52 9.23 9.37
C14 DFS D . 3.61 10.38 7.15
C15 DFS D . 2.64 11.25 6.64
C16 DFS D . 1.47 11.53 7.36
C17 DFS D . 1.28 10.94 8.60
C18 DFS D . 2.25 10.05 9.12
F19 DFS D . 2.07 9.47 10.33
F20 DFS D . 4.73 10.11 6.43
N21 DFS D . 2.84 11.84 5.44
S22 DFS D . 2.05 12.68 4.84
C23 DFS D . 0.78 11.54 4.17
C24 DFS D . 1.41 10.19 3.79
C25 DFS D . 1.65 10.07 2.28
O26 DFS D . 1.44 13.54 5.86
O27 DFS D . 2.72 13.29 3.70
#